data_5D7R
#
_entry.id   5D7R
#
_cell.length_a   143.192
_cell.length_b   55.514
_cell.length_c   51.114
_cell.angle_alpha   90.000
_cell.angle_beta   100.650
_cell.angle_gamma   90.000
#
_symmetry.space_group_name_H-M   'C 1 2 1'
#
loop_
_entity.id
_entity.type
_entity.pdbx_description
1 polymer 'DNA gyrase subunit B'
2 non-polymer 'MAGNESIUM ION'
3 non-polymer 'CHLORIDE ION'
4 non-polymer '3-hydroxy-5-[5-(6-hydroxy-7-propyl-2H-indazol-3-yl)-1,3-thiazol-2-yl]pyridine-2-carboxylic acid'
5 non-polymer (4S)-2-METHYL-2,4-PENTANEDIOL
6 water water
#
_entity_poly.entity_id   1
_entity_poly.type   'polypeptide(L)'
_entity_poly.pdbx_seq_one_letter_code
;GSVTALSDVNNTDNYGAGQIQVLEGLEAVRKRPGMYIGSTSERGLHHLVWEIVDNSIDEALAGYANQIEVVIEKDNWIKV
TDNGRGIPVDIQEKMGRPAVEVILTSSVVNALSQDLEVYVHRNETIYHQAYKKGVPQFDLKEVGTTDKTGTVIRFKADGE
IFTETTVYNYETLQQRIRELAFLNKGIQITLRDERDEENVREDSYHYEGGIK
;
_entity_poly.pdbx_strand_id   A,B
#
loop_
_chem_comp.id
_chem_comp.type
_chem_comp.name
_chem_comp.formula
57Y non-polymer '3-hydroxy-5-[5-(6-hydroxy-7-propyl-2H-indazol-3-yl)-1,3-thiazol-2-yl]pyridine-2-carboxylic acid' 'C19 H16 N4 O4 S'
CL non-polymer 'CHLORIDE ION' 'Cl -1'
MG non-polymer 'MAGNESIUM ION' 'Mg 2'
MPD non-polymer (4S)-2-METHYL-2,4-PENTANEDIOL 'C6 H14 O2'
#
# COMPACT_ATOMS: atom_id res chain seq x y z
N GLY A 16 -0.90 6.02 -2.65
CA GLY A 16 -2.21 6.56 -3.18
C GLY A 16 -3.33 5.53 -3.24
N ALA A 17 -3.28 4.64 -4.25
CA ALA A 17 -4.37 3.63 -4.44
C ALA A 17 -4.64 2.83 -3.16
N GLY A 18 -3.55 2.40 -2.50
CA GLY A 18 -3.65 1.56 -1.29
C GLY A 18 -4.50 2.19 -0.18
N GLN A 19 -4.30 3.48 0.05
CA GLN A 19 -5.05 4.24 1.07
C GLN A 19 -6.55 4.50 0.72
N ILE A 20 -6.79 4.70 -0.55
CA ILE A 20 -8.15 4.74 -1.07
C ILE A 20 -8.85 3.41 -0.85
N GLN A 21 -8.17 2.29 -1.11
CA GLN A 21 -8.79 1.00 -0.89
CA GLN A 21 -8.71 0.96 -0.86
C GLN A 21 -9.04 0.81 0.64
N VAL A 22 -8.19 1.36 1.51
CA VAL A 22 -8.52 1.32 3.03
C VAL A 22 -9.83 2.03 3.33
N LEU A 23 -9.99 3.26 2.83
CA LEU A 23 -11.21 3.99 3.09
C LEU A 23 -12.45 3.27 2.58
N GLU A 24 -12.34 2.66 1.39
CA GLU A 24 -13.43 1.92 0.87
C GLU A 24 -13.77 0.66 1.68
N GLY A 25 -12.74 0.08 2.25
CA GLY A 25 -12.87 -1.09 3.12
C GLY A 25 -13.63 -0.72 4.40
N LEU A 26 -13.30 0.45 4.91
CA LEU A 26 -14.01 0.96 6.12
C LEU A 26 -15.48 1.18 5.86
N GLU A 27 -15.80 1.83 4.74
CA GLU A 27 -17.21 2.10 4.31
C GLU A 27 -17.94 0.75 4.19
N ALA A 28 -17.27 -0.25 3.58
CA ALA A 28 -17.87 -1.56 3.36
C ALA A 28 -18.23 -2.26 4.65
N VAL A 29 -17.30 -2.32 5.55
CA VAL A 29 -17.54 -2.93 6.88
C VAL A 29 -18.71 -2.20 7.63
N ARG A 30 -18.70 -0.88 7.63
CA ARG A 30 -19.65 -0.16 8.43
C ARG A 30 -21.00 -0.18 7.80
N LYS A 31 -21.05 -0.43 6.51
CA LYS A 31 -22.34 -0.49 5.82
C LYS A 31 -23.05 -1.83 6.07
N ARG A 32 -22.33 -2.96 6.21
CA ARG A 32 -22.97 -4.29 6.40
C ARG A 32 -22.17 -5.06 7.43
N PRO A 33 -22.15 -4.53 8.66
CA PRO A 33 -21.35 -5.10 9.68
C PRO A 33 -21.66 -6.53 10.00
N GLY A 34 -22.95 -6.89 9.94
CA GLY A 34 -23.40 -8.28 10.18
C GLY A 34 -22.80 -9.24 9.19
N MET A 35 -22.50 -8.76 7.98
CA MET A 35 -21.82 -9.66 7.05
C MET A 35 -20.39 -10.00 7.52
N TYR A 36 -19.73 -9.12 8.33
CA TYR A 36 -18.39 -9.35 8.82
C TYR A 36 -18.23 -9.97 10.14
N ILE A 37 -19.10 -9.65 11.13
CA ILE A 37 -19.04 -10.18 12.49
C ILE A 37 -20.25 -11.03 12.94
N GLY A 38 -21.11 -11.29 11.98
CA GLY A 38 -22.23 -12.16 12.17
C GLY A 38 -23.57 -11.58 12.55
N SER A 39 -23.48 -10.49 13.31
CA SER A 39 -24.63 -9.81 13.87
CA SER A 39 -24.63 -9.85 13.95
C SER A 39 -24.15 -8.55 14.53
N THR A 40 -25.10 -7.63 14.71
CA THR A 40 -24.82 -6.43 15.46
C THR A 40 -25.48 -6.47 16.88
N SER A 41 -25.98 -7.64 17.30
CA SER A 41 -26.52 -7.97 18.58
C SER A 41 -25.40 -8.15 19.63
N GLU A 42 -25.75 -8.50 20.84
CA GLU A 42 -24.80 -8.78 21.89
C GLU A 42 -23.75 -9.78 21.42
N ARG A 43 -24.12 -10.72 20.56
CA ARG A 43 -23.17 -11.70 20.03
CA ARG A 43 -23.16 -11.69 20.09
C ARG A 43 -22.06 -11.06 19.24
N GLY A 44 -22.43 -10.19 18.32
CA GLY A 44 -21.42 -9.46 17.53
C GLY A 44 -20.55 -8.49 18.33
N LEU A 45 -21.12 -7.84 19.37
CA LEU A 45 -20.33 -7.04 20.29
C LEU A 45 -19.20 -7.90 20.92
N HIS A 46 -19.53 -9.08 21.44
CA HIS A 46 -18.46 -9.89 22.04
C HIS A 46 -17.51 -10.45 20.98
N HIS A 47 -17.96 -10.59 19.74
CA HIS A 47 -17.11 -11.05 18.64
C HIS A 47 -15.92 -10.12 18.43
N LEU A 48 -16.11 -8.83 18.72
CA LEU A 48 -14.98 -7.84 18.61
C LEU A 48 -13.81 -8.35 19.50
N VAL A 49 -14.12 -8.75 20.73
CA VAL A 49 -13.12 -9.20 21.65
C VAL A 49 -12.45 -10.39 21.04
N TRP A 50 -13.23 -11.34 20.61
CA TRP A 50 -12.60 -12.58 20.00
C TRP A 50 -11.69 -12.34 18.84
N GLU A 51 -12.02 -11.38 18.02
CA GLU A 51 -11.20 -11.01 16.83
C GLU A 51 -9.79 -10.56 17.32
N ILE A 52 -9.73 -9.75 18.35
CA ILE A 52 -8.44 -9.25 18.89
C ILE A 52 -7.69 -10.30 19.62
N VAL A 53 -8.39 -11.08 20.46
CA VAL A 53 -7.78 -12.15 21.25
C VAL A 53 -7.24 -13.22 20.36
N ASP A 54 -7.92 -13.48 19.23
CA ASP A 54 -7.38 -14.49 18.25
C ASP A 54 -6.05 -14.08 17.68
N ASN A 55 -5.86 -12.80 17.43
CA ASN A 55 -4.57 -12.26 16.88
C ASN A 55 -3.46 -12.43 17.93
N SER A 56 -3.76 -12.26 19.21
CA SER A 56 -2.75 -12.49 20.26
C SER A 56 -2.42 -14.01 20.39
N ILE A 57 -3.46 -14.81 20.29
CA ILE A 57 -3.29 -16.25 20.31
C ILE A 57 -2.37 -16.72 19.19
N ASP A 58 -2.57 -16.12 18.01
CA ASP A 58 -1.62 -16.46 16.87
C ASP A 58 -0.18 -16.16 17.20
N GLU A 59 0.08 -15.05 17.84
CA GLU A 59 1.43 -14.65 18.24
C GLU A 59 2.00 -15.58 19.29
N ALA A 60 1.17 -16.23 20.14
CA ALA A 60 1.64 -17.22 21.10
C ALA A 60 1.92 -18.51 20.41
N LEU A 61 1.01 -18.91 19.52
CA LEU A 61 1.25 -20.15 18.73
C LEU A 61 2.46 -20.05 17.87
N ALA A 62 2.78 -18.89 17.38
CA ALA A 62 4.10 -18.67 16.61
C ALA A 62 5.33 -18.73 17.50
N GLY A 63 5.19 -18.74 18.84
CA GLY A 63 6.26 -18.95 19.71
C GLY A 63 6.78 -17.67 20.40
N TYR A 64 5.96 -16.62 20.31
CA TYR A 64 6.45 -15.22 20.70
C TYR A 64 5.75 -14.57 21.88
N ALA A 65 4.61 -15.05 22.28
CA ALA A 65 3.83 -14.58 23.43
C ALA A 65 3.42 -15.73 24.37
N ASN A 66 3.18 -15.40 25.63
CA ASN A 66 2.59 -16.32 26.53
C ASN A 66 1.60 -15.77 27.51
N GLN A 67 1.30 -14.48 27.41
CA GLN A 67 0.37 -13.87 28.32
C GLN A 67 -0.56 -12.92 27.57
N ILE A 68 -1.83 -13.09 27.85
CA ILE A 68 -2.89 -12.21 27.24
C ILE A 68 -3.76 -11.73 28.36
N GLU A 69 -3.95 -10.43 28.44
CA GLU A 69 -4.87 -9.82 29.37
C GLU A 69 -6.04 -9.12 28.74
N VAL A 70 -7.26 -9.40 29.18
CA VAL A 70 -8.45 -8.72 28.67
C VAL A 70 -9.11 -7.96 29.79
N VAL A 71 -9.19 -6.61 29.70
CA VAL A 71 -9.80 -5.76 30.77
C VAL A 71 -11.08 -5.10 30.20
N ILE A 72 -12.18 -5.24 30.97
CA ILE A 72 -13.42 -4.47 30.77
C ILE A 72 -13.25 -3.21 31.58
N GLU A 73 -13.05 -2.09 30.92
CA GLU A 73 -12.73 -0.79 31.54
C GLU A 73 -14.05 -0.01 31.68
N LYS A 74 -13.90 1.04 32.49
CA LYS A 74 -14.99 1.90 32.61
C LYS A 74 -15.61 2.27 31.28
N ASP A 75 -16.94 2.36 31.29
CA ASP A 75 -17.76 2.70 30.11
CA ASP A 75 -17.79 2.71 30.10
C ASP A 75 -17.62 1.73 28.96
N ASN A 76 -17.29 0.51 29.33
CA ASN A 76 -17.22 -0.63 28.40
C ASN A 76 -16.23 -0.48 27.24
N TRP A 77 -15.14 0.21 27.55
CA TRP A 77 -13.91 0.03 26.75
C TRP A 77 -13.43 -1.41 27.03
N ILE A 78 -12.76 -1.96 26.01
CA ILE A 78 -12.04 -3.17 26.17
C ILE A 78 -10.58 -2.90 25.97
N LYS A 79 -9.75 -3.45 26.82
CA LYS A 79 -8.24 -3.38 26.62
C LYS A 79 -7.75 -4.84 26.50
N VAL A 80 -7.02 -5.11 25.41
CA VAL A 80 -6.37 -6.34 25.21
C VAL A 80 -4.83 -6.08 25.21
N THR A 81 -4.12 -6.87 26.00
CA THR A 81 -2.65 -6.73 26.05
C THR A 81 -2.05 -8.11 25.84
N ASP A 82 -1.02 -8.20 24.99
CA ASP A 82 -0.21 -9.42 24.85
C ASP A 82 1.26 -9.10 25.02
N ASN A 83 2.06 -10.08 25.39
CA ASN A 83 3.52 -9.96 25.45
C ASN A 83 4.19 -10.54 24.23
N GLY A 84 3.69 -10.38 23.06
CA GLY A 84 4.35 -10.84 21.83
C GLY A 84 5.37 -9.82 21.36
N ARG A 85 5.65 -9.91 20.06
CA ARG A 85 6.73 -9.14 19.52
C ARG A 85 6.41 -7.64 19.40
N GLY A 86 5.17 -7.27 19.55
CA GLY A 86 4.84 -5.92 19.16
C GLY A 86 4.48 -5.78 17.71
N ILE A 87 3.33 -5.26 17.29
CA ILE A 87 3.01 -5.11 15.89
C ILE A 87 4.08 -4.23 15.20
N PRO A 88 4.64 -4.68 14.01
CA PRO A 88 5.79 -3.88 13.49
C PRO A 88 5.39 -2.49 13.09
N VAL A 89 6.36 -1.58 13.13
CA VAL A 89 6.10 -0.17 12.84
C VAL A 89 6.87 0.34 11.62
N ASP A 90 7.60 -0.55 10.92
CA ASP A 90 8.42 -0.17 9.79
C ASP A 90 7.52 0.27 8.67
N ILE A 91 8.03 1.16 7.84
CA ILE A 91 7.25 1.72 6.76
C ILE A 91 7.16 0.68 5.63
N GLN A 92 5.95 0.50 5.10
CA GLN A 92 5.72 -0.38 3.98
C GLN A 92 5.94 0.27 2.61
N GLU A 93 6.62 -0.45 1.72
CA GLU A 93 6.64 -0.11 0.31
C GLU A 93 5.24 0.11 -0.26
N LYS A 94 4.30 -0.79 0.06
CA LYS A 94 3.00 -0.79 -0.63
C LYS A 94 2.12 0.40 -0.26
N MET A 95 2.05 0.67 1.04
CA MET A 95 1.17 1.68 1.62
C MET A 95 1.91 2.99 1.94
N GLY A 96 3.26 2.98 2.04
CA GLY A 96 3.99 4.20 2.48
C GLY A 96 3.66 4.56 3.96
N ARG A 97 3.12 3.62 4.69
CA ARG A 97 2.64 3.85 6.05
C ARG A 97 3.19 2.79 6.94
N PRO A 98 3.26 3.06 8.24
CA PRO A 98 3.76 2.15 9.17
C PRO A 98 2.90 0.84 9.11
N ALA A 99 3.59 -0.28 9.28
CA ALA A 99 2.88 -1.57 9.19
C ALA A 99 1.68 -1.64 10.17
N VAL A 100 1.86 -1.17 11.38
CA VAL A 100 0.79 -1.21 12.39
C VAL A 100 -0.38 -0.43 11.89
N GLU A 101 -0.18 0.72 11.31
CA GLU A 101 -1.30 1.48 10.76
C GLU A 101 -2.05 0.68 9.66
N VAL A 102 -1.30 -0.05 8.80
CA VAL A 102 -1.93 -0.82 7.75
C VAL A 102 -2.82 -1.98 8.32
N ILE A 103 -2.28 -2.67 9.31
CA ILE A 103 -2.93 -3.81 9.96
C ILE A 103 -4.20 -3.36 10.69
N LEU A 104 -4.08 -2.14 11.32
CA LEU A 104 -5.24 -1.66 12.10
C LEU A 104 -6.28 -0.97 11.27
N THR A 105 -5.90 -0.26 10.22
CA THR A 105 -6.93 0.31 9.31
C THR A 105 -7.74 -0.73 8.49
N SER A 106 -7.15 -1.97 8.37
CA SER A 106 -7.95 -3.01 7.70
CA SER A 106 -7.81 -3.12 7.75
C SER A 106 -8.61 -3.96 8.72
N SER A 107 -8.60 -3.64 10.02
CA SER A 107 -9.32 -4.34 10.99
C SER A 107 -10.79 -4.04 11.09
N VAL A 108 -11.59 -5.11 11.17
CA VAL A 108 -13.02 -4.97 11.38
CA VAL A 108 -13.01 -4.97 11.38
C VAL A 108 -13.28 -4.34 12.74
N VAL A 109 -12.55 -4.69 13.76
CA VAL A 109 -12.83 -4.20 15.09
C VAL A 109 -12.61 -2.69 15.04
N ASN A 110 -11.55 -2.20 14.37
CA ASN A 110 -11.33 -0.74 14.33
C ASN A 110 -12.40 -0.09 13.59
N ALA A 111 -12.80 -0.59 12.43
CA ALA A 111 -13.95 0.03 11.66
C ALA A 111 -15.24 0.14 12.49
N LEU A 112 -15.43 -0.82 13.36
CA LEU A 112 -16.65 -0.90 14.16
C LEU A 112 -16.53 -0.36 15.60
N SER A 113 -15.47 0.37 15.83
CA SER A 113 -15.24 1.05 17.13
C SER A 113 -15.32 2.52 16.94
N GLN A 114 -16.04 3.21 17.85
CA GLN A 114 -15.98 4.68 17.88
CA GLN A 114 -15.96 4.64 17.71
C GLN A 114 -14.65 5.26 18.06
N ASP A 115 -13.83 4.60 18.90
CA ASP A 115 -12.44 4.95 19.18
C ASP A 115 -11.61 3.67 19.40
N LEU A 116 -10.37 3.68 18.99
CA LEU A 116 -9.47 2.63 19.20
C LEU A 116 -8.11 3.18 19.36
N GLU A 117 -7.38 2.68 20.34
CA GLU A 117 -5.96 3.07 20.54
C GLU A 117 -5.05 1.87 20.49
N VAL A 118 -3.81 2.05 19.96
CA VAL A 118 -2.85 1.02 20.03
C VAL A 118 -1.61 1.57 20.68
N TYR A 119 -1.01 0.79 21.56
CA TYR A 119 0.36 1.01 22.03
C TYR A 119 1.20 -0.15 21.70
N VAL A 120 2.28 0.07 21.00
CA VAL A 120 3.28 -0.99 20.65
C VAL A 120 4.52 -0.83 21.48
N HIS A 121 5.01 -1.90 22.13
CA HIS A 121 6.19 -1.94 22.77
C HIS A 121 7.18 -2.75 21.83
N ARG A 122 8.16 -2.06 21.20
CA ARG A 122 9.07 -2.77 20.24
C ARG A 122 10.28 -1.89 20.04
N ASN A 123 11.44 -2.44 19.74
CA ASN A 123 12.60 -1.63 19.50
C ASN A 123 12.91 -0.72 20.75
N GLU A 124 12.60 -1.14 21.99
CA GLU A 124 12.79 -0.38 23.23
CA GLU A 124 12.86 -0.36 23.21
C GLU A 124 12.08 0.96 23.25
N THR A 125 11.06 1.04 22.44
CA THR A 125 10.27 2.18 22.17
C THR A 125 8.76 1.89 22.35
N ILE A 126 8.01 2.89 22.86
CA ILE A 126 6.57 2.74 22.93
C ILE A 126 6.00 3.60 21.81
N TYR A 127 5.17 3.01 20.92
CA TYR A 127 4.56 3.76 19.83
C TYR A 127 3.10 3.77 20.07
N HIS A 128 2.42 4.87 19.71
CA HIS A 128 1.02 5.07 19.88
C HIS A 128 0.35 5.61 18.64
N GLN A 129 -0.89 5.19 18.39
CA GLN A 129 -1.76 5.68 17.36
C GLN A 129 -3.14 5.52 17.86
N ALA A 130 -3.98 6.44 17.48
CA ALA A 130 -5.42 6.43 17.83
C ALA A 130 -6.22 6.60 16.54
N TYR A 131 -7.46 6.08 16.57
CA TYR A 131 -8.34 5.98 15.40
C TYR A 131 -9.81 6.23 15.89
N LYS A 132 -10.65 6.71 14.94
CA LYS A 132 -12.09 6.67 15.16
C LYS A 132 -12.76 6.12 13.93
N LYS A 133 -13.56 5.08 14.13
CA LYS A 133 -14.29 4.36 13.04
C LYS A 133 -13.22 3.90 12.00
N GLY A 134 -12.04 3.55 12.50
CA GLY A 134 -10.96 3.05 11.66
C GLY A 134 -10.05 4.13 11.05
N VAL A 135 -10.39 5.41 11.13
CA VAL A 135 -9.60 6.51 10.56
C VAL A 135 -8.51 7.01 11.55
N PRO A 136 -7.20 6.93 11.20
CA PRO A 136 -6.13 7.39 12.12
C PRO A 136 -6.40 8.84 12.44
N GLN A 137 -6.21 9.19 13.68
CA GLN A 137 -6.34 10.57 14.13
C GLN A 137 -5.09 11.37 14.05
N PHE A 138 -3.96 10.72 13.90
CA PHE A 138 -2.62 11.33 13.90
C PHE A 138 -1.68 10.28 13.46
N ASP A 139 -0.53 10.64 12.92
CA ASP A 139 0.46 9.64 12.57
C ASP A 139 1.01 8.90 13.80
N LEU A 140 1.38 7.64 13.56
CA LEU A 140 2.00 6.84 14.66
C LEU A 140 3.16 7.70 15.27
N LYS A 141 3.18 7.68 16.62
CA LYS A 141 4.23 8.45 17.33
C LYS A 141 4.90 7.71 18.45
N GLU A 142 6.20 7.98 18.56
CA GLU A 142 6.89 7.54 19.70
C GLU A 142 6.53 8.29 20.91
N VAL A 143 6.14 7.61 21.99
CA VAL A 143 5.70 8.28 23.19
C VAL A 143 6.50 7.98 24.47
N GLY A 144 7.36 6.98 24.37
CA GLY A 144 8.08 6.55 25.50
C GLY A 144 9.06 5.43 25.22
N THR A 145 9.65 4.94 26.28
CA THR A 145 10.61 3.81 26.15
C THR A 145 10.22 2.63 27.00
N THR A 146 10.82 1.49 26.64
CA THR A 146 10.39 0.24 27.24
C THR A 146 11.50 -0.74 27.17
N ASP A 147 11.44 -1.71 28.10
CA ASP A 147 12.38 -2.85 28.01
C ASP A 147 11.58 -4.14 27.82
N LYS A 148 10.32 -3.96 27.47
CA LYS A 148 9.37 -5.05 27.13
C LYS A 148 8.98 -5.05 25.63
N THR A 149 8.42 -6.17 25.13
CA THR A 149 7.75 -6.13 23.82
C THR A 149 6.28 -6.59 24.00
N GLY A 150 5.38 -6.04 23.21
CA GLY A 150 4.05 -6.56 23.10
C GLY A 150 3.15 -5.51 22.59
N THR A 151 1.88 -5.73 22.70
CA THR A 151 0.90 -4.83 22.07
C THR A 151 -0.27 -4.68 22.96
N VAL A 152 -0.73 -3.40 23.11
CA VAL A 152 -1.93 -3.10 23.79
C VAL A 152 -2.94 -2.50 22.78
N ILE A 153 -4.17 -2.99 22.76
CA ILE A 153 -5.24 -2.38 21.93
C ILE A 153 -6.39 -2.07 22.92
N ARG A 154 -6.88 -0.84 22.93
CA ARG A 154 -8.04 -0.44 23.68
C ARG A 154 -9.08 0.03 22.71
N PHE A 155 -10.34 -0.44 22.80
CA PHE A 155 -11.37 0.04 21.89
C PHE A 155 -12.70 0.21 22.63
N LYS A 156 -13.50 1.13 22.02
CA LYS A 156 -14.85 1.30 22.47
C LYS A 156 -15.79 1.02 21.33
N ALA A 157 -16.60 -0.02 21.44
CA ALA A 157 -17.56 -0.34 20.37
C ALA A 157 -18.42 0.82 19.94
N ASP A 158 -18.70 0.89 18.65
CA ASP A 158 -19.48 2.09 18.15
C ASP A 158 -20.95 1.80 18.38
N GLY A 159 -21.56 2.63 19.19
CA GLY A 159 -22.99 2.53 19.44
C GLY A 159 -23.90 2.75 18.28
N GLU A 160 -23.42 3.44 17.24
CA GLU A 160 -24.14 3.57 15.98
C GLU A 160 -24.28 2.23 15.27
N ILE A 161 -23.35 1.30 15.49
CA ILE A 161 -23.34 -0.05 14.84
C ILE A 161 -24.10 -1.07 15.74
N PHE A 162 -23.71 -1.09 17.03
N PHE A 162 -23.81 -1.13 17.04
CA PHE A 162 -24.16 -2.02 18.07
CA PHE A 162 -24.47 -2.12 17.87
C PHE A 162 -25.38 -1.42 18.76
C PHE A 162 -25.91 -1.66 18.16
N THR A 163 -26.51 -1.42 18.03
N THR A 163 -26.85 -2.55 17.81
CA THR A 163 -27.68 -0.65 18.49
CA THR A 163 -28.30 -2.25 17.69
C THR A 163 -28.44 -1.25 19.63
C THR A 163 -29.14 -2.66 18.91
N GLU A 164 -28.31 -2.58 19.87
N GLU A 164 -28.49 -3.23 19.89
CA GLU A 164 -28.99 -3.27 20.98
CA GLU A 164 -29.14 -3.59 21.12
C GLU A 164 -28.30 -3.08 22.31
C GLU A 164 -28.34 -3.23 22.38
N THR A 165 -27.02 -3.39 22.34
CA THR A 165 -26.22 -3.20 23.56
C THR A 165 -24.72 -3.01 23.22
N THR A 166 -24.08 -2.14 24.01
CA THR A 166 -22.62 -2.00 24.05
C THR A 166 -22.02 -2.39 25.41
N VAL A 167 -22.79 -3.13 26.20
CA VAL A 167 -22.41 -3.61 27.55
C VAL A 167 -21.98 -5.02 27.49
N TYR A 168 -20.76 -5.25 27.91
CA TYR A 168 -20.27 -6.66 27.83
C TYR A 168 -20.77 -7.56 29.02
N ASN A 169 -20.77 -8.87 28.84
CA ASN A 169 -21.21 -9.77 29.86
C ASN A 169 -20.00 -10.50 30.39
N TYR A 170 -19.68 -10.34 31.67
CA TYR A 170 -18.40 -10.93 32.19
C TYR A 170 -18.41 -12.40 31.98
N GLU A 171 -19.51 -13.03 32.31
CA GLU A 171 -19.63 -14.49 32.20
C GLU A 171 -19.43 -14.98 30.80
N THR A 172 -20.00 -14.33 29.81
CA THR A 172 -19.74 -14.64 28.40
C THR A 172 -18.26 -14.61 28.09
N LEU A 173 -17.62 -13.53 28.48
CA LEU A 173 -16.15 -13.40 28.29
C LEU A 173 -15.37 -14.42 29.06
N GLN A 174 -15.76 -14.65 30.30
CA GLN A 174 -15.06 -15.64 31.13
C GLN A 174 -15.10 -17.05 30.53
N GLN A 175 -16.29 -17.44 30.06
CA GLN A 175 -16.50 -18.82 29.54
CA GLN A 175 -16.41 -18.83 29.61
C GLN A 175 -15.57 -19.09 28.37
N ARG A 176 -15.51 -18.14 27.50
CA ARG A 176 -14.73 -18.31 26.24
CA ARG A 176 -14.74 -18.31 26.24
C ARG A 176 -13.23 -18.16 26.54
N ILE A 177 -12.91 -17.22 27.39
CA ILE A 177 -11.47 -17.10 27.78
C ILE A 177 -10.96 -18.41 28.40
N ARG A 178 -11.73 -19.00 29.29
CA ARG A 178 -11.34 -20.24 29.89
CA ARG A 178 -11.43 -20.26 29.90
C ARG A 178 -11.26 -21.32 28.86
N GLU A 179 -12.19 -21.37 27.90
CA GLU A 179 -12.07 -22.35 26.76
C GLU A 179 -10.81 -22.14 25.98
N LEU A 180 -10.50 -20.89 25.70
CA LEU A 180 -9.32 -20.60 24.88
C LEU A 180 -8.04 -20.93 25.61
N ALA A 181 -7.96 -20.75 26.90
CA ALA A 181 -6.73 -21.08 27.61
C ALA A 181 -6.61 -22.67 27.63
N PHE A 182 -7.75 -23.35 27.89
CA PHE A 182 -7.81 -24.82 27.88
C PHE A 182 -7.33 -25.36 26.55
N LEU A 183 -7.77 -24.81 25.47
CA LEU A 183 -7.39 -25.21 24.08
C LEU A 183 -5.99 -24.93 23.73
N ASN A 184 -5.50 -23.77 24.22
CA ASN A 184 -4.14 -23.32 23.88
C ASN A 184 -3.25 -23.42 25.09
N LYS A 185 -2.78 -24.61 25.43
CA LYS A 185 -2.14 -24.83 26.75
C LYS A 185 -0.80 -24.08 26.80
N GLY A 186 -0.49 -23.48 27.93
CA GLY A 186 0.73 -22.71 28.08
C GLY A 186 0.46 -21.25 28.00
N ILE A 187 -0.71 -20.79 27.49
CA ILE A 187 -0.94 -19.36 27.47
C ILE A 187 -1.72 -18.97 28.74
N GLN A 188 -1.22 -17.92 29.41
CA GLN A 188 -1.89 -17.36 30.58
C GLN A 188 -2.86 -16.30 30.06
N ILE A 189 -4.14 -16.48 30.26
CA ILE A 189 -5.18 -15.51 29.82
C ILE A 189 -6.02 -15.05 31.01
N THR A 190 -5.93 -13.73 31.22
CA THR A 190 -6.53 -13.09 32.37
C THR A 190 -7.64 -12.20 31.91
N LEU A 191 -8.78 -12.32 32.57
CA LEU A 191 -9.93 -11.38 32.43
C LEU A 191 -10.16 -10.58 33.69
N ARG A 192 -10.31 -9.26 33.54
CA ARG A 192 -10.48 -8.41 34.67
C ARG A 192 -11.63 -7.41 34.37
N ASP A 193 -12.59 -7.17 35.30
CA ASP A 193 -13.68 -6.20 35.17
C ASP A 193 -13.47 -5.04 36.09
N GLU A 194 -13.16 -3.88 35.53
CA GLU A 194 -12.87 -2.69 36.25
C GLU A 194 -13.95 -1.68 36.12
N ARG A 195 -15.12 -2.09 35.63
CA ARG A 195 -16.22 -1.12 35.41
C ARG A 195 -16.66 -0.53 36.70
N ASP A 196 -16.64 -1.29 37.78
CA ASP A 196 -17.02 -0.75 39.13
C ASP A 196 -15.76 -0.80 39.99
N GLU A 197 -15.15 0.34 40.15
CA GLU A 197 -13.87 0.48 40.85
C GLU A 197 -13.90 0.04 42.29
N GLU A 198 -15.11 -0.02 42.86
CA GLU A 198 -15.28 -0.50 44.23
CA GLU A 198 -15.30 -0.52 44.23
C GLU A 198 -15.29 -2.05 44.36
N ASN A 199 -15.55 -2.82 43.24
CA ASN A 199 -15.54 -4.24 43.22
C ASN A 199 -14.99 -4.71 41.92
N VAL A 200 -13.69 -5.05 41.91
CA VAL A 200 -12.96 -5.48 40.73
C VAL A 200 -12.87 -6.99 40.78
N ARG A 201 -13.24 -7.62 39.71
CA ARG A 201 -13.24 -9.07 39.61
CA ARG A 201 -13.23 -9.08 39.63
CA ARG A 201 -13.27 -9.08 39.62
C ARG A 201 -12.17 -9.50 38.61
N GLU A 202 -11.45 -10.57 38.93
CA GLU A 202 -10.49 -11.13 38.02
C GLU A 202 -10.53 -12.66 37.98
N ASP A 203 -10.36 -13.21 36.82
CA ASP A 203 -10.17 -14.62 36.66
C ASP A 203 -8.95 -14.77 35.79
N SER A 204 -8.02 -15.68 36.17
CA SER A 204 -6.84 -15.94 35.31
CA SER A 204 -6.75 -15.92 35.41
C SER A 204 -6.64 -17.43 35.05
N TYR A 205 -6.49 -17.75 33.79
CA TYR A 205 -6.44 -19.17 33.30
C TYR A 205 -5.09 -19.51 32.75
N HIS A 206 -4.54 -20.68 33.11
CA HIS A 206 -3.22 -21.05 32.66
C HIS A 206 -3.12 -22.53 32.80
N TYR A 207 -3.33 -23.23 31.71
CA TYR A 207 -3.33 -24.72 31.68
C TYR A 207 -1.92 -25.29 31.37
N GLU A 208 -1.47 -26.24 32.17
CA GLU A 208 -0.06 -26.81 32.05
C GLU A 208 1.05 -25.98 31.38
N ILE B 20 18.33 -1.84 -1.01
CA ILE B 20 17.38 -2.51 -0.09
C ILE B 20 16.03 -1.83 -0.14
N GLN B 21 15.95 -0.54 0.17
CA GLN B 21 14.68 0.15 -0.04
C GLN B 21 14.31 0.13 -1.59
N VAL B 22 15.32 0.23 -2.46
CA VAL B 22 15.17 0.22 -3.95
C VAL B 22 14.68 -1.12 -4.45
N LEU B 23 15.46 -2.18 -4.21
CA LEU B 23 15.13 -3.52 -4.66
C LEU B 23 13.77 -4.05 -4.12
N GLU B 24 13.42 -3.63 -2.91
CA GLU B 24 12.18 -4.05 -2.29
C GLU B 24 11.00 -3.29 -2.89
N GLY B 25 11.25 -2.06 -3.33
CA GLY B 25 10.23 -1.26 -4.02
C GLY B 25 9.82 -1.93 -5.33
N LEU B 26 10.81 -2.50 -6.00
CA LEU B 26 10.67 -3.11 -7.29
C LEU B 26 9.90 -4.39 -7.05
N GLU B 27 10.10 -5.03 -5.91
CA GLU B 27 9.51 -6.37 -5.70
C GLU B 27 8.02 -6.09 -5.40
N ALA B 28 7.74 -4.99 -4.72
CA ALA B 28 6.34 -4.67 -4.33
C ALA B 28 5.48 -4.35 -5.51
N VAL B 29 6.09 -3.63 -6.44
CA VAL B 29 5.36 -3.19 -7.60
C VAL B 29 5.01 -4.39 -8.41
N ARG B 30 5.96 -5.27 -8.58
CA ARG B 30 5.83 -6.50 -9.32
C ARG B 30 4.83 -7.50 -8.72
N LYS B 31 4.56 -7.42 -7.41
CA LYS B 31 3.54 -8.27 -6.73
C LYS B 31 2.16 -7.65 -6.73
N ARG B 32 2.05 -6.32 -6.74
CA ARG B 32 0.76 -5.74 -6.86
C ARG B 32 0.72 -4.72 -7.98
N PRO B 33 0.93 -5.16 -9.21
CA PRO B 33 0.92 -4.13 -10.31
C PRO B 33 -0.36 -3.36 -10.43
N GLY B 34 -1.48 -4.00 -10.16
CA GLY B 34 -2.77 -3.34 -10.27
C GLY B 34 -2.96 -2.16 -9.40
N MET B 35 -2.22 -2.09 -8.31
CA MET B 35 -2.29 -0.94 -7.42
CA MET B 35 -2.27 -0.93 -7.42
C MET B 35 -1.66 0.34 -8.04
N TYR B 36 -0.73 0.12 -8.98
CA TYR B 36 0.09 1.19 -9.56
C TYR B 36 -0.44 1.52 -10.96
N ILE B 37 -0.82 0.49 -11.75
CA ILE B 37 -1.30 0.72 -13.12
C ILE B 37 -2.73 0.27 -13.44
N GLY B 38 -3.52 -0.08 -12.40
CA GLY B 38 -4.96 -0.43 -12.60
C GLY B 38 -5.23 -1.88 -12.83
N SER B 39 -4.44 -2.52 -13.70
CA SER B 39 -4.66 -3.92 -14.02
CA SER B 39 -4.71 -3.87 -14.12
C SER B 39 -3.47 -4.41 -14.84
N THR B 40 -3.41 -5.73 -15.04
CA THR B 40 -2.37 -6.37 -15.88
C THR B 40 -2.91 -6.83 -17.28
N SER B 41 -4.14 -6.44 -17.61
CA SER B 41 -4.81 -6.72 -18.87
C SER B 41 -4.27 -5.75 -19.94
N GLU B 42 -4.91 -5.73 -21.10
CA GLU B 42 -4.51 -4.81 -22.20
C GLU B 42 -4.51 -3.37 -21.72
N ARG B 43 -5.46 -3.04 -20.88
CA ARG B 43 -5.60 -1.67 -20.37
C ARG B 43 -4.35 -1.28 -19.58
N GLY B 44 -3.87 -2.21 -18.78
CA GLY B 44 -2.66 -1.87 -18.00
C GLY B 44 -1.43 -1.80 -18.89
N LEU B 45 -1.32 -2.69 -19.86
CA LEU B 45 -0.24 -2.65 -20.83
C LEU B 45 -0.15 -1.18 -21.40
N HIS B 46 -1.25 -0.69 -21.90
CA HIS B 46 -1.21 0.67 -22.45
C HIS B 46 -0.95 1.72 -21.44
N HIS B 47 -1.31 1.48 -20.16
CA HIS B 47 -1.00 2.43 -19.13
C HIS B 47 0.49 2.62 -18.96
N LEU B 48 1.32 1.64 -19.27
CA LEU B 48 2.82 1.80 -19.19
C LEU B 48 3.16 2.97 -20.10
N VAL B 49 2.58 3.02 -21.30
CA VAL B 49 2.83 4.11 -22.24
C VAL B 49 2.47 5.41 -21.63
N TRP B 50 1.28 5.49 -21.01
CA TRP B 50 0.84 6.73 -20.51
C TRP B 50 1.74 7.23 -19.34
N GLU B 51 2.25 6.35 -18.50
CA GLU B 51 3.23 6.72 -17.41
C GLU B 51 4.41 7.47 -18.01
N ILE B 52 4.99 6.93 -19.07
CA ILE B 52 6.24 7.50 -19.56
C ILE B 52 5.87 8.80 -20.31
N VAL B 53 4.81 8.76 -21.12
CA VAL B 53 4.39 9.95 -21.88
C VAL B 53 4.07 11.06 -20.95
N ASP B 54 3.43 10.72 -19.81
CA ASP B 54 3.08 11.76 -18.80
CA ASP B 54 3.09 11.79 -18.86
C ASP B 54 4.29 12.57 -18.35
N ASN B 55 5.42 11.92 -18.17
CA ASN B 55 6.68 12.55 -17.79
C ASN B 55 7.21 13.50 -18.83
N SER B 56 7.04 13.12 -20.11
CA SER B 56 7.31 13.99 -21.23
C SER B 56 6.38 15.21 -21.24
N ILE B 57 5.07 14.99 -21.04
CA ILE B 57 4.11 16.07 -20.91
C ILE B 57 4.49 17.06 -19.79
N ASP B 58 4.89 16.53 -18.65
CA ASP B 58 5.31 17.40 -17.52
C ASP B 58 6.46 18.29 -17.98
N GLU B 59 7.37 17.73 -18.76
CA GLU B 59 8.40 18.53 -19.28
C GLU B 59 8.00 19.62 -20.29
N ALA B 60 6.99 19.38 -21.10
CA ALA B 60 6.35 20.36 -21.93
C ALA B 60 5.61 21.44 -21.06
N LEU B 61 4.90 20.98 -20.06
CA LEU B 61 4.21 21.91 -19.10
C LEU B 61 5.20 22.83 -18.38
N ALA B 62 6.38 22.37 -18.11
CA ALA B 62 7.43 23.15 -17.54
C ALA B 62 8.07 24.15 -18.46
N GLY B 63 7.89 24.07 -19.75
CA GLY B 63 8.22 24.96 -20.79
C GLY B 63 9.51 24.62 -21.55
N TYR B 64 9.87 23.32 -21.50
CA TYR B 64 11.15 22.83 -22.02
C TYR B 64 11.06 21.90 -23.19
N ALA B 65 10.03 21.11 -23.31
CA ALA B 65 9.82 20.28 -24.45
C ALA B 65 8.72 20.78 -25.36
N ASN B 66 8.84 20.62 -26.69
CA ASN B 66 7.69 20.89 -27.58
C ASN B 66 7.44 19.78 -28.64
N GLN B 67 8.26 18.76 -28.56
CA GLN B 67 8.04 17.54 -29.41
C GLN B 67 8.16 16.27 -28.56
N ILE B 68 7.18 15.37 -28.79
CA ILE B 68 7.15 14.06 -28.11
C ILE B 68 6.76 13.04 -29.18
N GLU B 69 7.53 11.99 -29.22
CA GLU B 69 7.35 10.92 -30.23
C GLU B 69 7.21 9.59 -29.53
N VAL B 70 6.13 8.85 -29.86
CA VAL B 70 5.90 7.51 -29.38
C VAL B 70 5.97 6.50 -30.50
N VAL B 71 6.93 5.52 -30.41
CA VAL B 71 7.13 4.54 -31.49
C VAL B 71 6.83 3.17 -30.96
N ILE B 72 5.95 2.43 -31.68
CA ILE B 72 5.78 1.01 -31.41
C ILE B 72 6.80 0.33 -32.29
N GLU B 73 7.75 -0.37 -31.58
CA GLU B 73 8.88 -1.02 -32.21
C GLU B 73 8.69 -2.45 -32.38
N LYS B 74 9.58 -3.05 -33.17
CA LYS B 74 9.63 -4.49 -33.34
C LYS B 74 9.60 -5.14 -31.98
N ASP B 75 8.85 -6.28 -31.94
CA ASP B 75 8.62 -7.00 -30.71
C ASP B 75 7.94 -6.22 -29.59
N ASN B 76 7.12 -5.22 -29.96
CA ASN B 76 6.29 -4.48 -28.99
C ASN B 76 7.16 -3.86 -27.85
N TRP B 77 8.38 -3.45 -28.26
CA TRP B 77 8.97 -2.42 -27.52
C TRP B 77 8.24 -1.07 -27.77
N ILE B 78 8.33 -0.13 -26.80
CA ILE B 78 7.82 1.19 -26.92
C ILE B 78 9.07 2.09 -26.76
N LYS B 79 9.14 3.09 -27.64
CA LYS B 79 10.12 4.19 -27.52
C LYS B 79 9.37 5.47 -27.34
N VAL B 80 9.77 6.25 -26.33
CA VAL B 80 9.18 7.63 -26.13
C VAL B 80 10.40 8.58 -26.12
N THR B 81 10.32 9.57 -26.92
CA THR B 81 11.38 10.60 -26.97
C THR B 81 10.73 11.91 -26.67
N ASP B 82 11.46 12.76 -25.98
CA ASP B 82 11.06 14.13 -25.92
C ASP B 82 12.27 15.00 -26.10
N ASN B 83 12.05 16.27 -26.44
CA ASN B 83 13.11 17.22 -26.61
C ASN B 83 13.21 18.25 -25.45
N GLY B 84 12.98 17.79 -24.24
CA GLY B 84 13.10 18.62 -23.05
C GLY B 84 14.55 18.67 -22.57
N ARG B 85 14.75 18.81 -21.26
CA ARG B 85 16.16 19.12 -20.72
C ARG B 85 17.05 17.89 -20.68
N GLY B 86 16.39 16.73 -20.69
CA GLY B 86 17.14 15.58 -20.39
C GLY B 86 17.15 15.22 -18.92
N ILE B 87 16.80 13.96 -18.52
CA ILE B 87 16.82 13.64 -17.12
C ILE B 87 18.16 13.88 -16.48
N PRO B 88 18.23 14.54 -15.30
CA PRO B 88 19.58 14.80 -14.77
C PRO B 88 20.38 13.58 -14.46
N VAL B 89 21.70 13.74 -14.55
CA VAL B 89 22.60 12.63 -14.34
C VAL B 89 23.57 12.80 -13.13
N ASP B 90 23.51 13.99 -12.49
CA ASP B 90 24.36 14.33 -11.40
C ASP B 90 24.13 13.36 -10.24
N ILE B 91 25.19 13.16 -9.48
CA ILE B 91 25.26 12.11 -8.51
C ILE B 91 24.68 12.61 -7.26
N GLN B 92 23.65 11.93 -6.75
CA GLN B 92 23.01 12.22 -5.40
C GLN B 92 23.93 11.86 -4.24
N GLY B 96 24.22 8.45 -3.53
CA GLY B 96 25.42 7.78 -4.05
C GLY B 96 25.32 7.47 -5.52
N ARG B 97 24.22 7.83 -6.19
CA ARG B 97 24.02 7.35 -7.63
C ARG B 97 23.50 8.48 -8.54
N PRO B 98 23.65 8.38 -9.88
CA PRO B 98 23.10 9.35 -10.76
C PRO B 98 21.62 9.52 -10.59
N ALA B 99 21.14 10.74 -10.66
CA ALA B 99 19.75 11.03 -10.49
C ALA B 99 18.86 10.22 -11.41
N VAL B 100 19.29 10.09 -12.69
CA VAL B 100 18.45 9.30 -13.64
C VAL B 100 18.32 7.87 -13.16
N GLU B 101 19.37 7.28 -12.57
CA GLU B 101 19.30 5.94 -12.08
C GLU B 101 18.27 5.87 -10.91
N VAL B 102 18.39 6.80 -9.95
CA VAL B 102 17.47 6.85 -8.79
C VAL B 102 16.00 6.97 -9.28
N ILE B 103 15.73 7.85 -10.22
CA ILE B 103 14.44 8.01 -10.81
C ILE B 103 13.98 6.76 -11.50
N LEU B 104 14.81 6.17 -12.40
CA LEU B 104 14.35 4.92 -13.06
C LEU B 104 14.19 3.70 -12.21
N THR B 105 14.95 3.55 -11.15
CA THR B 105 14.85 2.38 -10.28
C THR B 105 13.70 2.54 -9.29
N SER B 106 13.06 3.70 -9.42
CA SER B 106 11.81 3.94 -8.63
C SER B 106 10.60 3.97 -9.54
N SER B 107 10.80 3.60 -10.79
CA SER B 107 9.76 3.70 -11.78
C SER B 107 8.92 2.43 -11.87
N VAL B 108 7.63 2.66 -11.84
CA VAL B 108 6.69 1.51 -12.06
C VAL B 108 6.90 0.86 -13.41
N VAL B 109 7.05 1.64 -14.45
CA VAL B 109 7.21 1.09 -15.73
C VAL B 109 8.45 0.22 -15.80
N ASN B 110 9.58 0.70 -15.27
CA ASN B 110 10.81 -0.16 -15.28
C ASN B 110 10.63 -1.39 -14.50
N ALA B 111 9.94 -1.33 -13.35
CA ALA B 111 9.72 -2.56 -12.51
C ALA B 111 8.91 -3.61 -13.30
N LEU B 112 7.97 -3.16 -14.12
CA LEU B 112 7.02 -4.05 -14.84
C LEU B 112 7.53 -4.28 -16.33
N SER B 113 8.81 -3.93 -16.69
CA SER B 113 9.37 -4.18 -17.98
C SER B 113 10.45 -5.20 -17.93
N GLN B 114 10.45 -6.21 -18.82
CA GLN B 114 11.55 -7.15 -18.89
CA GLN B 114 11.54 -7.12 -18.81
C GLN B 114 12.87 -6.46 -19.15
N ASP B 115 12.86 -5.37 -19.93
CA ASP B 115 14.08 -4.63 -20.40
C ASP B 115 13.62 -3.20 -20.58
N LEU B 116 14.44 -2.28 -20.05
CA LEU B 116 14.23 -0.84 -20.31
C LEU B 116 15.62 -0.21 -20.53
N GLU B 117 15.70 0.78 -21.49
CA GLU B 117 16.92 1.52 -21.82
C GLU B 117 16.55 2.96 -21.74
N VAL B 118 17.51 3.75 -21.28
CA VAL B 118 17.39 5.18 -21.29
C VAL B 118 18.53 5.77 -22.01
N TYR B 119 18.33 6.82 -22.83
CA TYR B 119 19.43 7.66 -23.43
C TYR B 119 19.07 9.05 -23.07
N VAL B 120 19.97 9.72 -22.40
CA VAL B 120 19.75 11.11 -22.05
C VAL B 120 20.71 11.95 -22.83
N HIS B 121 20.20 12.96 -23.49
CA HIS B 121 20.97 13.97 -24.21
C HIS B 121 21.02 15.21 -23.31
N ARG B 122 22.17 15.54 -22.78
CA ARG B 122 22.31 16.61 -21.83
C ARG B 122 23.81 16.92 -21.66
N ASN B 123 24.15 18.15 -21.31
CA ASN B 123 25.62 18.46 -21.08
C ASN B 123 26.43 18.10 -22.39
N GLU B 124 25.85 18.24 -23.58
CA GLU B 124 26.45 17.90 -24.94
CA GLU B 124 26.55 17.94 -24.87
C GLU B 124 26.97 16.44 -24.93
N THR B 125 26.26 15.58 -24.14
CA THR B 125 26.73 14.19 -23.95
C THR B 125 25.52 13.29 -24.13
N ILE B 126 25.71 12.04 -24.54
CA ILE B 126 24.69 11.07 -24.59
C ILE B 126 25.00 10.08 -23.48
N TYR B 127 24.09 9.86 -22.56
CA TYR B 127 24.28 8.95 -21.38
C TYR B 127 23.33 7.80 -21.55
N HIS B 128 23.77 6.59 -21.25
CA HIS B 128 22.96 5.37 -21.42
C HIS B 128 23.00 4.48 -20.24
N GLN B 129 21.87 3.94 -19.86
CA GLN B 129 21.74 2.82 -18.84
C GLN B 129 20.63 1.90 -19.28
N ALA B 130 20.80 0.66 -18.97
CA ALA B 130 19.80 -0.41 -19.27
C ALA B 130 19.44 -1.13 -17.99
N TYR B 131 18.24 -1.71 -17.93
CA TYR B 131 17.66 -2.25 -16.72
C TYR B 131 16.89 -3.53 -17.18
N LYS B 132 16.74 -4.44 -16.22
CA LYS B 132 15.83 -5.63 -16.41
C LYS B 132 15.04 -5.72 -15.18
N LYS B 133 13.72 -5.62 -15.27
CA LYS B 133 12.78 -5.68 -14.18
C LYS B 133 13.12 -4.64 -13.12
N GLY B 134 13.61 -3.52 -13.65
CA GLY B 134 14.02 -2.41 -12.84
C GLY B 134 15.47 -2.42 -12.29
N VAL B 135 16.16 -3.49 -12.47
CA VAL B 135 17.49 -3.73 -11.93
C VAL B 135 18.54 -3.16 -12.97
N PRO B 136 19.36 -2.20 -12.54
CA PRO B 136 20.38 -1.75 -13.54
C PRO B 136 21.33 -2.82 -13.99
N GLN B 137 21.64 -2.91 -15.22
CA GLN B 137 22.49 -3.97 -15.78
C GLN B 137 23.95 -3.56 -15.74
N PHE B 138 24.18 -2.27 -15.67
CA PHE B 138 25.51 -1.66 -15.80
C PHE B 138 25.34 -0.20 -15.34
N ASP B 139 26.46 0.45 -14.99
CA ASP B 139 26.41 1.86 -14.52
C ASP B 139 26.11 2.78 -15.72
N LEU B 140 25.39 3.87 -15.41
CA LEU B 140 25.18 4.90 -16.46
C LEU B 140 26.55 5.20 -17.11
N LYS B 141 26.56 5.31 -18.42
CA LYS B 141 27.82 5.61 -19.12
C LYS B 141 27.64 6.58 -20.24
N GLU B 142 28.70 7.29 -20.59
CA GLU B 142 28.71 8.07 -21.76
CA GLU B 142 28.74 8.10 -21.70
C GLU B 142 28.90 7.29 -23.00
N VAL B 143 28.02 7.51 -23.95
CA VAL B 143 28.07 6.76 -25.22
C VAL B 143 28.05 7.62 -26.50
N GLY B 144 28.26 8.95 -26.34
CA GLY B 144 28.25 9.78 -27.49
C GLY B 144 28.29 11.30 -27.16
N THR B 145 28.24 12.09 -28.20
CA THR B 145 28.31 13.57 -28.10
C THR B 145 27.05 14.00 -28.81
N THR B 146 26.48 15.14 -28.35
CA THR B 146 25.28 15.61 -28.98
C THR B 146 25.20 17.10 -28.84
N ASP B 147 24.40 17.65 -29.71
CA ASP B 147 24.12 19.08 -29.61
C ASP B 147 22.68 19.31 -29.32
N LYS B 148 21.96 18.26 -28.95
CA LYS B 148 20.51 18.35 -28.64
C LYS B 148 20.35 18.07 -27.14
N THR B 149 19.13 18.38 -26.56
CA THR B 149 18.83 18.00 -25.25
C THR B 149 17.50 17.25 -25.30
N GLY B 150 17.34 16.24 -24.47
CA GLY B 150 16.09 15.42 -24.37
C GLY B 150 16.36 14.03 -23.85
N THR B 151 15.32 13.28 -23.77
CA THR B 151 15.36 11.98 -23.22
C THR B 151 14.68 10.98 -24.13
N VAL B 152 15.31 9.82 -24.21
CA VAL B 152 14.74 8.69 -24.90
C VAL B 152 14.58 7.54 -23.92
N ILE B 153 13.40 6.97 -23.83
CA ILE B 153 13.25 5.77 -23.06
CA ILE B 153 13.12 5.81 -23.00
C ILE B 153 12.59 4.68 -23.93
N ARG B 154 13.18 3.46 -23.94
CA ARG B 154 12.59 2.32 -24.67
C ARG B 154 12.33 1.23 -23.64
N PHE B 155 11.15 0.58 -23.72
CA PHE B 155 10.89 -0.47 -22.81
C PHE B 155 10.12 -1.62 -23.45
N LYS B 156 10.34 -2.85 -22.91
CA LYS B 156 9.57 -3.97 -23.33
CA LYS B 156 9.65 -4.04 -23.35
C LYS B 156 8.86 -4.52 -22.11
N ALA B 157 7.51 -4.41 -22.13
CA ALA B 157 6.65 -4.90 -21.06
C ALA B 157 6.93 -6.36 -20.73
N ASP B 158 6.86 -6.70 -19.40
CA ASP B 158 7.17 -8.09 -18.95
C ASP B 158 5.97 -9.00 -19.17
N GLY B 159 6.24 -9.98 -20.02
CA GLY B 159 5.32 -11.01 -20.46
C GLY B 159 4.94 -11.90 -19.33
N GLU B 160 5.77 -11.90 -18.28
CA GLU B 160 5.42 -12.63 -17.04
C GLU B 160 4.36 -11.90 -16.20
N ILE B 161 4.26 -10.58 -16.34
CA ILE B 161 3.28 -9.81 -15.70
C ILE B 161 2.01 -9.66 -16.58
N PHE B 162 2.23 -9.31 -17.85
CA PHE B 162 1.13 -8.97 -18.77
C PHE B 162 0.89 -10.22 -19.54
N THR B 163 0.24 -11.20 -18.87
CA THR B 163 0.01 -12.53 -19.44
C THR B 163 -1.12 -12.61 -20.49
N GLU B 164 -2.09 -11.71 -20.45
CA GLU B 164 -3.15 -11.70 -21.49
C GLU B 164 -2.56 -11.26 -22.89
N THR B 165 -1.86 -10.14 -22.90
CA THR B 165 -1.31 -9.68 -24.16
C THR B 165 -0.16 -8.69 -23.86
N THR B 166 0.85 -8.79 -24.77
CA THR B 166 1.86 -7.74 -24.78
C THR B 166 1.89 -6.96 -26.13
N VAL B 167 0.77 -7.05 -26.87
CA VAL B 167 0.63 -6.44 -28.19
C VAL B 167 -0.11 -5.19 -28.01
N TYR B 168 0.51 -4.05 -28.41
CA TYR B 168 -0.28 -2.79 -28.33
C TYR B 168 -1.20 -2.58 -29.51
N ASN B 169 -2.21 -1.74 -29.29
CA ASN B 169 -3.19 -1.47 -30.28
C ASN B 169 -3.01 -0.02 -30.75
N TYR B 170 -2.76 0.19 -32.05
CA TYR B 170 -2.31 1.52 -32.53
C TYR B 170 -3.51 2.47 -32.30
N GLU B 171 -4.75 2.04 -32.55
CA GLU B 171 -5.88 2.92 -32.41
C GLU B 171 -6.07 3.41 -30.99
N THR B 172 -5.88 2.56 -30.01
CA THR B 172 -5.93 2.98 -28.59
C THR B 172 -4.89 4.07 -28.30
N LEU B 173 -3.68 3.83 -28.75
CA LEU B 173 -2.61 4.87 -28.57
C LEU B 173 -2.97 6.16 -29.30
N GLN B 174 -3.50 6.03 -30.49
CA GLN B 174 -3.79 7.15 -31.35
C GLN B 174 -4.79 8.09 -30.76
N GLN B 175 -5.83 7.46 -30.25
CA GLN B 175 -6.96 8.17 -29.65
C GLN B 175 -6.49 8.98 -28.43
N ARG B 176 -5.62 8.44 -27.58
CA ARG B 176 -5.19 9.16 -26.40
C ARG B 176 -4.17 10.22 -26.75
N ILE B 177 -3.32 9.94 -27.71
CA ILE B 177 -2.32 10.92 -28.13
C ILE B 177 -2.99 12.14 -28.76
N ARG B 178 -4.03 11.93 -29.55
CA ARG B 178 -4.79 13.08 -30.10
CA ARG B 178 -4.76 13.10 -30.11
C ARG B 178 -5.32 13.93 -28.96
N GLU B 179 -5.91 13.30 -27.92
CA GLU B 179 -6.37 14.02 -26.72
C GLU B 179 -5.30 14.80 -25.98
N LEU B 180 -4.13 14.17 -25.85
CA LEU B 180 -3.06 14.85 -25.20
C LEU B 180 -2.58 16.01 -25.96
N ALA B 181 -2.54 15.93 -27.30
CA ALA B 181 -2.06 17.02 -28.10
C ALA B 181 -3.07 18.19 -28.02
N PHE B 182 -4.31 17.81 -27.96
CA PHE B 182 -5.40 18.81 -27.88
C PHE B 182 -5.36 19.54 -26.52
N LEU B 183 -5.00 18.83 -25.45
CA LEU B 183 -4.79 19.44 -24.09
C LEU B 183 -3.59 20.35 -24.05
N ASN B 184 -2.56 19.99 -24.83
CA ASN B 184 -1.31 20.67 -24.79
C ASN B 184 -0.98 21.31 -26.14
N LYS B 185 -1.70 22.41 -26.42
CA LYS B 185 -1.53 23.14 -27.64
C LYS B 185 -0.06 23.52 -27.83
N GLY B 186 0.33 23.50 -29.07
CA GLY B 186 1.64 23.88 -29.42
C GLY B 186 2.65 22.74 -29.20
N ILE B 187 2.24 21.60 -28.66
CA ILE B 187 3.27 20.46 -28.52
C ILE B 187 2.95 19.52 -29.67
N GLN B 188 3.96 19.11 -30.41
CA GLN B 188 3.79 18.17 -31.50
C GLN B 188 3.90 16.79 -30.91
N ILE B 189 2.92 15.91 -31.05
CA ILE B 189 3.05 14.53 -30.52
C ILE B 189 2.81 13.57 -31.70
N THR B 190 3.83 12.75 -31.95
CA THR B 190 3.77 11.82 -33.09
C THR B 190 3.75 10.39 -32.61
N LEU B 191 2.92 9.58 -33.24
CA LEU B 191 2.75 8.15 -32.98
C LEU B 191 3.21 7.40 -34.24
N ARG B 192 4.10 6.41 -34.11
CA ARG B 192 4.46 5.65 -35.24
C ARG B 192 4.55 4.18 -34.95
N ASP B 193 4.03 3.31 -35.87
CA ASP B 193 4.11 1.83 -35.77
C ASP B 193 5.18 1.32 -36.66
N GLU B 194 6.26 0.67 -36.14
CA GLU B 194 7.33 0.14 -36.91
C GLU B 194 7.34 -1.36 -36.83
N ARG B 195 6.36 -1.94 -36.26
CA ARG B 195 6.32 -3.43 -36.07
C ARG B 195 6.26 -4.12 -37.40
N ASP B 196 5.59 -3.57 -38.42
CA ASP B 196 5.50 -4.23 -39.80
C ASP B 196 6.46 -3.29 -40.62
N GLU B 197 7.72 -3.69 -40.67
CA GLU B 197 8.84 -2.93 -41.28
C GLU B 197 8.63 -2.52 -42.74
N GLU B 198 7.90 -3.36 -43.45
CA GLU B 198 7.50 -3.08 -44.87
C GLU B 198 6.27 -2.09 -44.95
N ASN B 199 5.59 -1.87 -43.81
CA ASN B 199 4.32 -1.07 -43.86
C ASN B 199 4.21 -0.22 -42.57
N VAL B 200 4.94 0.92 -42.60
CA VAL B 200 5.04 1.83 -41.45
C VAL B 200 4.02 2.88 -41.45
N ARG B 201 3.34 3.07 -40.35
CA ARG B 201 2.22 4.01 -40.22
C ARG B 201 2.61 5.09 -39.15
N GLU B 202 2.26 6.33 -39.46
CA GLU B 202 2.51 7.45 -38.51
C GLU B 202 1.40 8.46 -38.54
N ASP B 203 1.07 8.97 -37.38
CA ASP B 203 0.20 10.12 -37.26
C ASP B 203 0.91 11.13 -36.36
N SER B 204 0.86 12.40 -36.74
CA SER B 204 1.42 13.48 -35.93
C SER B 204 0.36 14.52 -35.67
N TYR B 205 0.22 14.93 -34.41
CA TYR B 205 -0.77 15.92 -33.98
C TYR B 205 -0.06 17.16 -33.46
N HIS B 206 -0.58 18.34 -33.85
CA HIS B 206 -0.02 19.61 -33.44
CA HIS B 206 -0.03 19.63 -33.43
C HIS B 206 -1.11 20.67 -33.47
N TYR B 207 -1.74 20.89 -32.35
CA TYR B 207 -2.88 21.88 -32.33
C TYR B 207 -2.31 23.25 -32.08
N GLU B 208 -2.83 24.22 -32.80
CA GLU B 208 -2.27 25.59 -32.82
C GLU B 208 -2.54 26.19 -31.44
N GLY B 209 -1.51 26.87 -30.89
CA GLY B 209 -1.53 27.47 -29.54
C GLY B 209 -0.16 27.41 -28.88
MG MG C . -7.14 -12.61 13.10
MG MG D . -9.40 -12.15 12.17
MG MG E . -3.85 -14.50 12.21
MG MG F . 2.69 -20.57 30.10
CL CL G . 9.41 -2.53 13.54
C20 57Y H . -1.75 -7.98 15.48
C21 57Y H . -3.08 -7.59 15.67
C15 57Y H . 5.28 -9.66 13.02
C18 57Y H . 5.98 -8.92 15.06
C10 57Y H . 1.32 -8.91 14.51
C19 57Y H . -1.03 -8.42 16.61
C14 57Y H . 4.93 -9.23 14.26
C4 57Y H . -3.01 -8.06 18.11
C5 57Y H . -1.68 -8.41 17.87
C22 57Y H . -3.65 -7.63 16.93
C16 57Y H . 6.61 -9.78 12.69
C8 57Y H . 0.29 -8.88 16.88
C9 57Y H . 1.40 -8.94 15.90
CA 57Y H . 7.62 -9.44 13.57
C12 57Y H . 3.55 -9.09 14.65
C 57Y H . 9.06 -9.60 13.24
C1 57Y H . -3.30 -6.85 21.76
C3 57Y H . -3.72 -8.08 19.49
C2 57Y H . -3.05 -6.98 20.27
N 57Y H . 7.29 -9.01 14.77
N11 57Y H . 2.53 -9.00 13.84
N7 57Y H . 0.45 -9.15 18.19
N6 57Y H . -0.75 -8.89 18.77
OXT 57Y H . 9.51 -10.11 12.22
O23 57Y H . -4.97 -7.25 16.99
O17 57Y H . 6.86 -10.22 11.47
O 57Y H . 9.79 -9.17 14.30
S13 57Y H . 3.06 -9.03 16.30
MG MG I . 5.26 10.72 -13.64
MG MG J . 5.06 23.87 -31.51
MG MG K . 7.95 -8.19 -41.92
MG MG L . 15.84 20.07 -25.44
C1 MPD M . 18.19 5.73 -31.49
C2 MPD M . 18.03 6.09 -30.01
O2 MPD M . 17.21 7.27 -29.85
CM MPD M . 17.45 4.83 -29.36
C3 MPD M . 19.34 6.42 -29.38
C4 MPD M . 19.92 7.82 -29.71
O4 MPD M . 19.24 9.04 -29.22
C5 MPD M . 21.23 7.71 -28.97
CL CL N . 23.14 16.56 -14.84
C20 57Y O . 11.56 12.08 -16.38
C21 57Y O . 11.07 10.82 -16.46
C15 57Y O . 14.62 18.62 -14.05
C18 57Y O . 15.74 18.28 -16.05
C10 57Y O . 12.50 15.11 -15.46
C19 57Y O . 11.59 12.80 -17.54
C14 57Y O . 14.74 17.90 -15.23
C4 57Y O . 10.68 11.03 -18.87
C5 57Y O . 11.18 12.28 -18.76
C22 57Y O . 10.65 10.34 -17.67
C16 57Y O . 15.50 19.65 -13.83
C8 57Y O . 12.06 14.09 -17.85
C9 57Y O . 12.67 15.03 -16.85
CA 57Y O . 16.46 19.89 -14.74
C12 57Y O . 13.91 16.77 -15.64
C 57Y O . 17.40 20.99 -14.52
C1 57Y O . 11.00 9.93 -22.52
C3 57Y O . 10.24 10.51 -20.21
C2 57Y O . 11.41 10.46 -21.15
N 57Y O . 16.61 19.25 -15.87
N11 57Y O . 13.18 16.09 -14.78
N7 57Y O . 11.90 14.34 -19.16
N6 57Y O . 11.36 13.21 -19.76
OXT 57Y O . 17.51 21.85 -13.61
O23 57Y O . 10.12 9.06 -17.76
O17 57Y O . 15.56 20.50 -12.75
O 57Y O . 18.11 20.91 -15.63
S13 57Y O . 13.83 16.21 -17.29
#